data_1OCN
#
_entry.id   1OCN
#
_cell.length_a   49.357
_cell.length_b   69.842
_cell.length_c   51.950
_cell.angle_alpha   90.00
_cell.angle_beta   113.52
_cell.angle_gamma   90.00
#
_symmetry.space_group_name_H-M   'P 1 21 1'
#
loop_
_entity.id
_entity.type
_entity.pdbx_description
1 polymer 'CELLOBIOHYDROLASE II'
2 non-polymer 2-acetamido-2-deoxy-beta-D-glucopyranose
3 non-polymer 5-HYDROXYMETHYL-3,4-DIHYDROXYPIPERIDINE
4 non-polymer beta-D-glucopyranose
5 non-polymer 'CALCIUM ION'
6 water water
#
_entity_poly.entity_id   1
_entity_poly.type   'polypeptide(L)'
_entity_poly.pdbx_seq_one_letter_code
;YNGNPFEGVQLWANNYYRSEVHTLAIPQITDPALRAAASAVAEVPSFQWLDRNVTVDTLLVQTLSEIREANQAGANPQYA
AQIVVYDLPDRDCAAAASNGEWAIANNGVNNYKAYINRIREILISFSDVRTILVIEPDSLANMVTNMNVPKCSGAASTYR
ELTIYALKQLDLPHVAMYMDAGHAGWLGWPANIQPAAELFAKIYEDAGKPRAVRGLATNVANYNAWSVSSPPPYTSPNPN
YDEKHYIEAFRPLLEARGFPAQFIVDQGRSGKQPTGQKEWGHWCNAIGTGFGMRPTANTGHQYVDAFVWVKPGGECDGTS
DTTAARYAYHCGLEDALKPAPEAGQWFNEYFIQLLRNANPPF
;
_entity_poly.pdbx_strand_id   A
#
loop_
_chem_comp.id
_chem_comp.type
_chem_comp.name
_chem_comp.formula
BGC D-saccharide, beta linking beta-D-glucopyranose 'C6 H12 O6'
CA non-polymer 'CALCIUM ION' 'Ca 2'
IFM non-polymer 5-HYDROXYMETHYL-3,4-DIHYDROXYPIPERIDINE 'C6 H13 N O3'
NAG D-saccharide, beta linking 2-acetamido-2-deoxy-beta-D-glucopyranose 'C8 H15 N O6'
#
# COMPACT_ATOMS: atom_id res chain seq x y z
N GLY A 3 12.81 -15.44 -10.02
N GLY A 3 13.32 -15.24 -8.59
CA GLY A 3 11.89 -15.58 -8.88
CA GLY A 3 11.90 -15.54 -8.96
C GLY A 3 10.96 -14.37 -8.68
N ASN A 4 10.93 -13.40 -9.60
CA ASN A 4 10.07 -12.22 -9.46
C ASN A 4 8.61 -12.64 -9.70
N PRO A 5 7.72 -12.49 -8.71
CA PRO A 5 6.32 -12.93 -8.90
C PRO A 5 5.54 -12.03 -9.87
N PHE A 6 6.08 -10.86 -10.22
CA PHE A 6 5.53 -10.05 -11.27
C PHE A 6 5.95 -10.41 -12.69
N GLU A 7 6.92 -11.32 -12.83
CA GLU A 7 7.35 -11.81 -14.15
C GLU A 7 6.42 -12.90 -14.62
N GLY A 8 6.02 -12.83 -15.89
CA GLY A 8 5.27 -13.89 -16.51
C GLY A 8 3.78 -13.82 -16.27
N VAL A 9 3.32 -12.71 -15.68
CA VAL A 9 1.90 -12.45 -15.50
C VAL A 9 1.57 -11.05 -15.93
N GLN A 10 0.30 -10.79 -16.18
CA GLN A 10 -0.19 -9.42 -16.18
C GLN A 10 -1.04 -9.19 -14.96
N LEU A 11 -1.21 -7.92 -14.64
CA LEU A 11 -1.86 -7.56 -13.40
C LEU A 11 -3.31 -7.22 -13.66
N TRP A 12 -4.21 -7.86 -12.91
CA TRP A 12 -5.63 -7.64 -13.07
C TRP A 12 -6.05 -6.29 -12.48
N ALA A 13 -6.82 -5.50 -13.21
CA ALA A 13 -7.41 -4.28 -12.71
C ALA A 13 -8.78 -4.62 -12.13
N ASN A 14 -8.99 -4.36 -10.85
CA ASN A 14 -10.17 -4.90 -10.16
C ASN A 14 -11.40 -4.01 -10.39
N ASN A 15 -12.53 -4.65 -10.16
CA ASN A 15 -13.82 -4.04 -10.43
C ASN A 15 -14.29 -3.11 -9.37
N TYR A 16 -13.75 -3.18 -8.15
CA TYR A 16 -14.12 -2.17 -7.14
C TYR A 16 -13.64 -0.79 -7.58
N TYR A 17 -12.36 -0.66 -7.92
CA TYR A 17 -11.83 0.64 -8.36
C TYR A 17 -12.46 1.03 -9.69
N ARG A 18 -12.60 0.10 -10.61
CA ARG A 18 -13.26 0.44 -11.88
C ARG A 18 -14.65 0.99 -11.70
N SER A 19 -15.40 0.37 -10.81
CA SER A 19 -16.75 0.85 -10.50
C SER A 19 -16.72 2.21 -9.80
N GLU A 20 -15.77 2.49 -8.91
CA GLU A 20 -15.66 3.82 -8.34
C GLU A 20 -15.51 4.84 -9.46
N VAL A 21 -14.57 4.59 -10.37
CA VAL A 21 -14.35 5.56 -11.41
C VAL A 21 -15.57 5.73 -12.32
N HIS A 22 -16.17 4.65 -12.73
CA HIS A 22 -17.30 4.76 -13.67
C HIS A 22 -18.58 5.28 -13.01
N THR A 23 -18.83 4.95 -11.74
CA THR A 23 -20.08 5.35 -11.06
C THR A 23 -19.98 6.63 -10.29
N LEU A 24 -18.81 6.95 -9.75
CA LEU A 24 -18.66 8.12 -8.89
C LEU A 24 -17.91 9.24 -9.54
N ALA A 25 -16.92 8.94 -10.37
CA ALA A 25 -16.07 9.95 -10.97
C ALA A 25 -16.58 10.44 -12.32
N ILE A 26 -16.72 9.51 -13.28
CA ILE A 26 -17.05 9.87 -14.64
C ILE A 26 -18.37 10.67 -14.78
N PRO A 27 -19.43 10.35 -14.06
CA PRO A 27 -20.66 11.16 -14.23
C PRO A 27 -20.44 12.64 -13.83
N GLN A 28 -19.41 12.94 -13.04
CA GLN A 28 -19.05 14.32 -12.63
C GLN A 28 -18.09 15.02 -13.56
N ILE A 29 -17.69 14.40 -14.65
CA ILE A 29 -16.76 14.96 -15.59
C ILE A 29 -17.49 15.09 -16.93
N THR A 30 -17.46 16.29 -17.47
CA THR A 30 -18.16 16.64 -18.72
C THR A 30 -17.25 16.81 -19.91
N ASP A 31 -16.01 17.20 -19.65
CA ASP A 31 -15.09 17.40 -20.72
C ASP A 31 -14.85 16.08 -21.42
N PRO A 32 -15.04 16.01 -22.74
CA PRO A 32 -14.80 14.74 -23.46
C PRO A 32 -13.39 14.13 -23.27
N ALA A 33 -12.34 14.91 -23.38
CA ALA A 33 -10.99 14.34 -23.21
C ALA A 33 -10.76 13.88 -21.76
N LEU A 34 -11.25 14.60 -20.79
CA LEU A 34 -11.08 14.18 -19.40
C LEU A 34 -11.87 12.94 -19.05
N ARG A 35 -13.07 12.79 -19.61
CA ARG A 35 -13.85 11.58 -19.41
C ARG A 35 -13.09 10.39 -19.97
N ALA A 36 -12.50 10.54 -21.14
CA ALA A 36 -11.77 9.46 -21.74
C ALA A 36 -10.51 9.09 -20.92
N ALA A 37 -9.84 10.11 -20.41
CA ALA A 37 -8.66 9.90 -19.54
C ALA A 37 -9.05 9.18 -18.24
N ALA A 38 -10.14 9.56 -17.60
CA ALA A 38 -10.65 8.88 -16.41
C ALA A 38 -10.96 7.43 -16.70
N SER A 39 -11.56 7.14 -17.84
CA SER A 39 -11.85 5.77 -18.17
C SER A 39 -10.56 4.95 -18.31
N ALA A 40 -9.50 5.55 -18.84
CA ALA A 40 -8.21 4.90 -18.98
C ALA A 40 -7.59 4.61 -17.59
N VAL A 41 -7.76 5.49 -16.62
CA VAL A 41 -7.20 5.25 -15.28
CA VAL A 41 -7.12 5.18 -15.34
C VAL A 41 -7.84 4.02 -14.65
N ALA A 42 -9.13 3.83 -14.91
CA ALA A 42 -9.88 2.73 -14.32
C ALA A 42 -9.29 1.38 -14.74
N GLU A 43 -8.52 1.33 -15.82
CA GLU A 43 -7.92 0.11 -16.32
C GLU A 43 -6.51 -0.11 -15.79
N VAL A 44 -5.97 0.83 -15.04
CA VAL A 44 -4.62 0.66 -14.44
C VAL A 44 -4.74 -0.28 -13.22
N PRO A 45 -3.95 -1.34 -13.16
CA PRO A 45 -4.17 -2.36 -12.11
C PRO A 45 -3.52 -1.99 -10.78
N SER A 46 -4.33 -1.48 -9.89
CA SER A 46 -3.92 -1.12 -8.53
C SER A 46 -4.34 -2.21 -7.55
N PHE A 47 -3.71 -2.24 -6.39
CA PHE A 47 -4.05 -3.21 -5.36
C PHE A 47 -5.44 -3.05 -4.86
N GLN A 48 -6.08 -4.16 -4.53
CA GLN A 48 -7.35 -4.17 -3.86
C GLN A 48 -7.14 -4.38 -2.39
N TRP A 49 -7.78 -3.60 -1.53
CA TRP A 49 -7.59 -3.59 -0.10
C TRP A 49 -8.68 -4.36 0.64
N LEU A 50 -8.23 -5.24 1.53
CA LEU A 50 -9.11 -5.94 2.42
C LEU A 50 -9.13 -5.19 3.75
N ASP A 51 -9.73 -4.02 3.69
CA ASP A 51 -9.70 -3.06 4.80
C ASP A 51 -10.78 -3.26 5.84
N ARG A 52 -11.74 -4.12 5.53
CA ARG A 52 -12.90 -4.47 6.36
C ARG A 52 -13.09 -5.97 6.24
N ASN A 53 -13.52 -6.60 7.30
CA ASN A 53 -13.74 -8.04 7.30
C ASN A 53 -14.71 -8.47 6.21
N VAL A 54 -15.74 -7.67 5.96
CA VAL A 54 -16.75 -8.07 4.99
C VAL A 54 -16.17 -8.19 3.56
N THR A 55 -15.02 -7.57 3.28
CA THR A 55 -14.38 -7.65 1.96
C THR A 55 -13.87 -9.05 1.68
N VAL A 56 -13.62 -9.88 2.68
CA VAL A 56 -12.99 -11.17 2.47
C VAL A 56 -13.90 -12.08 1.62
N ASP A 57 -15.14 -12.25 2.03
CA ASP A 57 -16.04 -13.18 1.33
C ASP A 57 -16.68 -12.56 0.11
N THR A 58 -16.56 -11.25 -0.03
CA THR A 58 -17.17 -10.53 -1.12
C THR A 58 -16.10 -10.15 -2.17
N LEU A 59 -15.39 -9.06 -1.96
CA LEU A 59 -14.49 -8.53 -2.95
C LEU A 59 -13.31 -9.45 -3.21
N LEU A 60 -12.72 -10.10 -2.21
CA LEU A 60 -11.62 -11.00 -2.48
C LEU A 60 -12.06 -12.19 -3.33
N VAL A 61 -13.11 -12.88 -2.88
CA VAL A 61 -13.60 -14.03 -3.62
C VAL A 61 -14.03 -13.60 -5.02
N GLN A 62 -14.70 -12.46 -5.20
CA GLN A 62 -15.16 -12.05 -6.53
CA GLN A 62 -15.14 -12.07 -6.54
C GLN A 62 -14.01 -11.74 -7.46
N THR A 63 -12.99 -11.06 -6.95
CA THR A 63 -11.84 -10.72 -7.80
C THR A 63 -11.11 -12.00 -8.20
N LEU A 64 -10.87 -12.91 -7.27
CA LEU A 64 -10.19 -14.16 -7.62
C LEU A 64 -11.05 -14.98 -8.59
N SER A 65 -12.37 -14.98 -8.43
CA SER A 65 -13.27 -15.65 -9.37
C SER A 65 -13.17 -15.05 -10.76
N GLU A 66 -13.11 -13.72 -10.86
CA GLU A 66 -13.05 -13.06 -12.14
C GLU A 66 -11.72 -13.32 -12.83
N ILE A 67 -10.64 -13.38 -12.06
CA ILE A 67 -9.32 -13.67 -12.63
C ILE A 67 -9.33 -15.11 -13.13
N ARG A 68 -9.84 -16.04 -12.33
CA ARG A 68 -9.92 -17.44 -12.74
C ARG A 68 -10.63 -17.56 -14.08
N GLU A 69 -11.77 -16.89 -14.18
CA GLU A 69 -12.57 -16.90 -15.42
C GLU A 69 -11.81 -16.35 -16.62
N ALA A 70 -11.15 -15.22 -16.44
CA ALA A 70 -10.34 -14.61 -17.52
C ALA A 70 -9.19 -15.52 -17.91
N ASN A 71 -8.55 -16.15 -16.94
CA ASN A 71 -7.41 -17.00 -17.25
C ASN A 71 -7.89 -18.29 -17.95
N GLN A 72 -8.96 -18.90 -17.46
CA GLN A 72 -9.57 -20.06 -18.16
C GLN A 72 -10.04 -19.73 -19.60
N ALA A 73 -10.41 -18.50 -19.87
CA ALA A 73 -10.82 -18.06 -21.21
C ALA A 73 -9.61 -17.75 -22.13
N GLY A 74 -8.41 -17.93 -21.62
CA GLY A 74 -7.21 -17.81 -22.44
C GLY A 74 -6.38 -16.54 -22.28
N ALA A 75 -6.53 -15.78 -21.20
CA ALA A 75 -5.70 -14.60 -21.01
C ALA A 75 -4.23 -14.98 -21.13
N ASN A 76 -3.49 -14.17 -21.90
CA ASN A 76 -2.07 -14.37 -22.06
C ASN A 76 -1.32 -13.03 -22.08
N PRO A 77 -0.36 -12.83 -21.20
CA PRO A 77 -0.06 -13.69 -20.04
C PRO A 77 -1.27 -13.84 -19.09
N GLN A 78 -1.19 -14.83 -18.26
CA GLN A 78 -2.21 -15.03 -17.22
C GLN A 78 -2.21 -13.82 -16.27
N TYR A 79 -3.39 -13.54 -15.76
CA TYR A 79 -3.56 -12.48 -14.74
C TYR A 79 -3.20 -12.95 -13.33
N ALA A 80 -2.65 -12.02 -12.54
CA ALA A 80 -2.36 -12.19 -11.12
C ALA A 80 -3.13 -11.15 -10.31
N ALA A 81 -3.47 -11.52 -9.09
CA ALA A 81 -4.13 -10.67 -8.14
C ALA A 81 -3.13 -9.90 -7.29
N GLN A 82 -3.53 -8.69 -6.89
CA GLN A 82 -2.75 -7.83 -5.99
C GLN A 82 -3.66 -7.40 -4.84
N ILE A 83 -3.38 -7.83 -3.63
CA ILE A 83 -4.27 -7.68 -2.49
C ILE A 83 -3.48 -7.11 -1.31
N VAL A 84 -4.10 -6.18 -0.56
CA VAL A 84 -3.54 -5.67 0.67
C VAL A 84 -4.33 -6.23 1.84
N VAL A 85 -3.62 -6.81 2.82
CA VAL A 85 -4.18 -7.22 4.08
C VAL A 85 -4.06 -6.02 5.05
N TYR A 86 -5.18 -5.45 5.48
CA TYR A 86 -5.17 -4.20 6.22
C TYR A 86 -6.31 -4.15 7.21
N ASP A 87 -6.24 -4.93 8.27
CA ASP A 87 -7.30 -4.93 9.26
C ASP A 87 -6.80 -5.29 10.67
N LEU A 88 -5.56 -4.94 11.01
CA LEU A 88 -5.10 -5.21 12.36
C LEU A 88 -6.03 -4.54 13.34
N PRO A 89 -6.19 -5.13 14.52
CA PRO A 89 -6.88 -4.44 15.61
C PRO A 89 -6.02 -3.29 16.09
N ASP A 90 -6.64 -2.20 16.55
CA ASP A 90 -5.93 -0.97 16.90
C ASP A 90 -5.06 -0.53 15.71
N ARG A 91 -5.69 -0.55 14.52
CA ARG A 91 -5.05 -0.19 13.26
C ARG A 91 -4.64 1.28 13.28
N ASP A 92 -3.63 1.61 12.51
CA ASP A 92 -3.23 3.01 12.26
C ASP A 92 -2.98 3.71 13.59
N CYS A 93 -2.08 3.16 14.38
CA CYS A 93 -2.01 3.47 15.81
C CYS A 93 -1.53 4.88 16.07
N ALA A 94 -0.84 5.51 15.13
CA ALA A 94 -0.31 6.84 15.34
C ALA A 94 -1.15 7.98 14.78
N ALA A 95 -2.32 7.69 14.20
CA ALA A 95 -3.19 8.71 13.61
C ALA A 95 -4.64 8.22 13.65
N ALA A 96 -5.60 9.11 13.74
CA ALA A 96 -7.01 8.73 13.88
C ALA A 96 -7.63 8.32 12.53
N ALA A 97 -7.07 8.79 11.42
CA ALA A 97 -7.81 8.81 10.17
C ALA A 97 -8.24 7.47 9.63
N SER A 98 -7.42 6.43 9.81
CA SER A 98 -7.76 5.10 9.33
C SER A 98 -7.93 4.09 10.45
N ASN A 99 -8.38 4.55 11.61
CA ASN A 99 -8.79 3.66 12.68
C ASN A 99 -9.74 2.59 12.08
N GLY A 100 -9.54 1.32 12.42
CA GLY A 100 -10.28 0.23 11.86
C GLY A 100 -11.44 -0.21 12.74
N GLU A 101 -12.09 -1.27 12.30
CA GLU A 101 -13.30 -1.77 12.92
C GLU A 101 -13.07 -2.51 14.22
N TRP A 102 -11.84 -2.99 14.46
CA TRP A 102 -11.54 -3.85 15.58
C TRP A 102 -10.58 -3.21 16.55
N ALA A 103 -10.81 -3.51 17.84
CA ALA A 103 -9.98 -3.05 18.93
C ALA A 103 -9.38 -4.23 19.65
N ILE A 104 -8.11 -4.13 20.06
CA ILE A 104 -7.46 -5.16 20.85
C ILE A 104 -8.29 -5.44 22.12
N ALA A 105 -8.81 -4.39 22.75
CA ALA A 105 -9.54 -4.57 24.03
C ALA A 105 -10.90 -5.23 23.83
N ASN A 106 -11.39 -5.37 22.60
CA ASN A 106 -12.69 -5.95 22.30
C ASN A 106 -12.61 -7.08 21.30
N ASN A 107 -11.83 -8.08 21.66
CA ASN A 107 -11.70 -9.34 20.92
C ASN A 107 -10.93 -9.20 19.60
N GLY A 108 -10.13 -8.17 19.49
CA GLY A 108 -9.48 -7.89 18.22
C GLY A 108 -8.52 -8.97 17.74
N VAL A 109 -7.73 -9.54 18.64
CA VAL A 109 -6.79 -10.61 18.28
C VAL A 109 -7.57 -11.79 17.71
N ASN A 110 -8.58 -12.28 18.42
CA ASN A 110 -9.37 -13.37 17.88
C ASN A 110 -10.03 -13.04 16.55
N ASN A 111 -10.56 -11.84 16.44
CA ASN A 111 -11.21 -11.44 15.20
C ASN A 111 -10.20 -11.47 14.05
N TYR A 112 -9.01 -10.97 14.29
CA TYR A 112 -8.00 -10.90 13.24
C TYR A 112 -7.49 -12.26 12.86
N LYS A 113 -7.24 -13.13 13.83
CA LYS A 113 -6.78 -14.48 13.48
C LYS A 113 -7.83 -15.18 12.64
N ALA A 114 -9.11 -15.01 12.94
CA ALA A 114 -10.18 -15.58 12.12
C ALA A 114 -10.19 -15.02 10.71
N TYR A 115 -9.94 -13.72 10.58
CA TYR A 115 -9.86 -13.05 9.27
C TYR A 115 -8.69 -13.65 8.45
N ILE A 116 -7.53 -13.77 9.07
CA ILE A 116 -6.41 -14.38 8.39
C ILE A 116 -6.73 -15.85 7.99
N ASN A 117 -7.38 -16.58 8.88
CA ASN A 117 -7.71 -17.97 8.59
C ASN A 117 -8.66 -18.08 7.42
N ARG A 118 -9.64 -17.19 7.34
CA ARG A 118 -10.59 -17.20 6.23
C ARG A 118 -9.91 -16.79 4.93
N ILE A 119 -9.04 -15.79 4.98
CA ILE A 119 -8.28 -15.44 3.80
C ILE A 119 -7.48 -16.67 3.35
N ARG A 120 -6.85 -17.35 4.29
CA ARG A 120 -6.06 -18.55 3.93
C ARG A 120 -6.93 -19.57 3.21
N GLU A 121 -8.10 -19.85 3.76
CA GLU A 121 -9.01 -20.81 3.18
C GLU A 121 -9.35 -20.44 1.74
N ILE A 122 -9.66 -19.17 1.53
CA ILE A 122 -9.94 -18.68 0.21
C ILE A 122 -8.73 -18.83 -0.73
N LEU A 123 -7.58 -18.39 -0.29
CA LEU A 123 -6.42 -18.46 -1.17
C LEU A 123 -6.11 -19.92 -1.51
N ILE A 124 -6.19 -20.82 -0.56
CA ILE A 124 -5.97 -22.26 -0.86
C ILE A 124 -6.95 -22.74 -1.93
N SER A 125 -8.21 -22.29 -1.88
CA SER A 125 -9.20 -22.66 -2.88
C SER A 125 -8.97 -22.05 -4.25
N PHE A 126 -8.13 -21.03 -4.32
CA PHE A 126 -7.76 -20.33 -5.54
C PHE A 126 -6.28 -20.44 -5.79
N SER A 127 -5.79 -21.66 -5.64
CA SER A 127 -4.37 -21.93 -5.88
C SER A 127 -3.94 -21.84 -7.34
N ASP A 128 -4.92 -21.67 -8.23
CA ASP A 128 -4.73 -21.43 -9.63
C ASP A 128 -4.57 -19.95 -9.97
N VAL A 129 -4.64 -19.07 -8.98
CA VAL A 129 -4.50 -17.63 -9.21
C VAL A 129 -3.30 -17.12 -8.45
N ARG A 130 -2.25 -16.73 -9.17
CA ARG A 130 -1.08 -16.14 -8.53
C ARG A 130 -1.50 -14.90 -7.77
N THR A 131 -1.13 -14.82 -6.51
CA THR A 131 -1.64 -13.81 -5.60
C THR A 131 -0.48 -13.11 -4.92
N ILE A 132 -0.41 -11.79 -5.09
CA ILE A 132 0.61 -10.97 -4.49
C ILE A 132 0.00 -10.14 -3.38
N LEU A 133 0.56 -10.24 -2.19
CA LEU A 133 0.03 -9.59 -1.02
C LEU A 133 0.98 -8.56 -0.49
N VAL A 134 0.42 -7.41 -0.06
CA VAL A 134 1.09 -6.48 0.82
C VAL A 134 0.51 -6.65 2.20
N ILE A 135 1.37 -6.86 3.20
CA ILE A 135 0.90 -7.09 4.57
C ILE A 135 0.97 -5.83 5.41
N GLU A 136 -0.20 -5.33 5.80
CA GLU A 136 -0.44 -4.34 6.86
C GLU A 136 0.41 -3.08 6.80
N PRO A 137 0.13 -2.25 5.78
CA PRO A 137 0.73 -0.93 5.71
C PRO A 137 0.78 -0.21 7.05
N ASP A 138 1.93 0.40 7.27
CA ASP A 138 2.28 1.28 8.41
C ASP A 138 2.60 0.58 9.73
N SER A 139 2.11 -0.63 9.90
CA SER A 139 2.15 -1.31 11.20
C SER A 139 3.58 -1.42 11.77
N LEU A 140 4.48 -2.03 11.01
CA LEU A 140 5.83 -2.22 11.51
C LEU A 140 6.63 -0.94 11.51
N ALA A 141 6.38 -0.03 10.57
CA ALA A 141 7.04 1.27 10.66
C ALA A 141 6.67 2.03 11.93
N ASN A 142 5.41 1.99 12.36
CA ASN A 142 5.00 2.53 13.64
C ASN A 142 5.71 1.86 14.80
N MET A 143 5.97 0.56 14.70
CA MET A 143 6.72 -0.13 15.76
C MET A 143 8.16 0.34 15.86
N VAL A 144 8.75 0.79 14.77
CA VAL A 144 10.09 1.35 14.80
C VAL A 144 10.10 2.72 15.49
N THR A 145 9.26 3.67 15.04
CA THR A 145 9.44 5.07 15.37
C THR A 145 8.44 5.67 16.37
N ASN A 146 7.30 5.01 16.61
CA ASN A 146 6.20 5.59 17.39
C ASN A 146 5.94 4.94 18.72
N MET A 147 7.01 4.48 19.38
CA MET A 147 6.81 3.88 20.70
C MET A 147 6.55 4.92 21.78
N ASN A 148 6.71 6.18 21.44
CA ASN A 148 6.27 7.29 22.31
C ASN A 148 4.75 7.53 22.29
N VAL A 149 4.04 6.97 21.31
CA VAL A 149 2.59 7.10 21.23
C VAL A 149 1.95 5.96 22.02
N PRO A 150 1.18 6.23 23.08
CA PRO A 150 0.66 5.14 23.89
C PRO A 150 -0.07 4.05 23.13
N LYS A 151 -0.94 4.37 22.17
CA LYS A 151 -1.63 3.32 21.42
C LYS A 151 -0.68 2.45 20.64
N CYS A 152 0.40 3.00 20.11
CA CYS A 152 1.38 2.21 19.36
C CYS A 152 2.17 1.31 20.31
N SER A 153 2.64 1.88 21.42
CA SER A 153 3.40 1.12 22.43
CA SER A 153 3.42 1.08 22.36
C SER A 153 2.56 -0.06 22.93
N GLY A 154 1.29 0.22 23.20
CA GLY A 154 0.36 -0.79 23.70
C GLY A 154 0.02 -1.84 22.67
N ALA A 155 0.15 -1.52 21.38
CA ALA A 155 -0.20 -2.45 20.31
C ALA A 155 0.97 -3.30 19.84
N ALA A 156 2.19 -2.93 20.23
CA ALA A 156 3.37 -3.51 19.57
C ALA A 156 3.45 -5.01 19.68
N SER A 157 3.22 -5.54 20.87
CA SER A 157 3.35 -6.97 21.06
C SER A 157 2.27 -7.75 20.27
N THR A 158 1.08 -7.16 20.18
CA THR A 158 0.03 -7.70 19.38
C THR A 158 0.34 -7.64 17.87
N TYR A 159 0.83 -6.50 17.40
CA TYR A 159 1.24 -6.38 16.00
C TYR A 159 2.28 -7.41 15.66
N ARG A 160 3.27 -7.63 16.53
CA ARG A 160 4.32 -8.60 16.24
C ARG A 160 3.75 -10.01 16.14
N GLU A 161 2.93 -10.39 17.10
CA GLU A 161 2.35 -11.73 17.13
C GLU A 161 1.49 -11.94 15.88
N LEU A 162 0.66 -10.96 15.55
CA LEU A 162 -0.26 -11.10 14.43
C LEU A 162 0.40 -11.05 13.06
N THR A 163 1.49 -10.31 12.98
CA THR A 163 2.28 -10.28 11.75
C THR A 163 2.88 -11.64 11.51
N ILE A 164 3.56 -12.19 12.53
CA ILE A 164 4.14 -13.53 12.37
C ILE A 164 3.05 -14.51 12.03
N TYR A 165 1.89 -14.41 12.65
CA TYR A 165 0.76 -15.28 12.32
C TYR A 165 0.38 -15.20 10.84
N ALA A 166 0.22 -13.99 10.34
CA ALA A 166 -0.16 -13.81 8.95
C ALA A 166 0.93 -14.38 8.01
N LEU A 167 2.18 -14.08 8.30
CA LEU A 167 3.25 -14.51 7.40
C LEU A 167 3.29 -16.03 7.31
N LYS A 168 3.09 -16.69 8.42
CA LYS A 168 3.07 -18.18 8.41
C LYS A 168 1.82 -18.73 7.79
N GLN A 169 0.66 -18.16 8.11
CA GLN A 169 -0.57 -18.71 7.60
C GLN A 169 -0.75 -18.53 6.09
N LEU A 170 -0.22 -17.42 5.57
CA LEU A 170 -0.44 -17.09 4.16
C LEU A 170 0.77 -17.50 3.29
N ASP A 171 1.68 -18.30 3.87
CA ASP A 171 2.83 -18.85 3.18
C ASP A 171 2.40 -20.03 2.32
N LEU A 172 1.86 -19.74 1.14
CA LEU A 172 1.27 -20.72 0.26
C LEU A 172 2.01 -20.70 -1.06
N PRO A 173 2.12 -21.85 -1.75
CA PRO A 173 2.97 -21.92 -2.95
C PRO A 173 2.68 -20.92 -4.06
N HIS A 174 1.42 -20.46 -4.19
CA HIS A 174 1.05 -19.55 -5.27
C HIS A 174 1.01 -18.06 -4.85
N VAL A 175 1.50 -17.80 -3.66
CA VAL A 175 1.45 -16.48 -3.01
C VAL A 175 2.85 -15.89 -2.92
N ALA A 176 2.96 -14.56 -3.06
CA ALA A 176 4.13 -13.80 -2.75
C ALA A 176 3.69 -12.70 -1.78
N MET A 177 4.40 -12.50 -0.69
CA MET A 177 4.16 -11.48 0.30
C MET A 177 5.28 -10.45 0.37
N TYR A 178 4.88 -9.19 0.52
CA TYR A 178 5.75 -8.09 0.82
C TYR A 178 5.25 -7.44 2.09
N MET A 179 6.07 -7.36 3.12
CA MET A 179 5.71 -6.64 4.31
C MET A 179 5.88 -5.15 4.06
N ASP A 180 4.97 -4.37 4.57
CA ASP A 180 5.10 -2.93 4.42
C ASP A 180 6.30 -2.43 5.20
N ALA A 181 7.02 -1.48 4.61
CA ALA A 181 8.24 -0.94 5.22
C ALA A 181 8.33 0.58 5.11
N GLY A 182 7.25 1.29 5.35
CA GLY A 182 7.36 2.74 5.38
C GLY A 182 7.79 3.34 4.07
N HIS A 183 8.61 4.38 4.14
CA HIS A 183 9.06 5.09 2.96
C HIS A 183 10.34 5.86 3.33
N ALA A 184 10.98 6.45 2.33
CA ALA A 184 12.24 7.15 2.51
C ALA A 184 12.22 8.19 3.61
N GLY A 185 11.10 8.88 3.74
CA GLY A 185 10.94 9.96 4.70
C GLY A 185 10.47 9.49 6.04
N TRP A 186 10.43 8.17 6.24
CA TRP A 186 10.00 7.62 7.50
C TRP A 186 11.13 6.72 8.05
N LEU A 187 11.30 5.53 7.51
CA LEU A 187 12.37 4.63 7.91
C LEU A 187 13.70 4.87 7.21
N GLY A 188 13.73 5.70 6.17
CA GLY A 188 14.94 5.99 5.43
C GLY A 188 15.85 7.02 6.03
N TRP A 189 15.34 7.75 7.02
CA TRP A 189 16.21 8.68 7.73
C TRP A 189 17.37 7.81 8.26
N PRO A 190 18.63 8.25 8.08
CA PRO A 190 19.79 7.43 8.52
C PRO A 190 19.76 6.86 9.96
N ALA A 191 19.19 7.56 10.93
CA ALA A 191 19.06 7.03 12.29
C ALA A 191 18.09 5.85 12.36
N ASN A 192 16.95 5.94 11.67
CA ASN A 192 15.92 4.90 11.73
C ASN A 192 16.26 3.65 10.93
N ILE A 193 17.17 3.74 9.98
CA ILE A 193 17.28 2.72 8.95
C ILE A 193 17.92 1.41 9.48
N GLN A 194 18.97 1.48 10.31
CA GLN A 194 19.46 0.24 10.94
C GLN A 194 18.50 -0.40 11.96
N PRO A 195 17.93 0.39 12.87
CA PRO A 195 16.86 -0.17 13.71
C PRO A 195 15.74 -0.80 12.89
N ALA A 196 15.35 -0.18 11.78
CA ALA A 196 14.31 -0.76 10.94
C ALA A 196 14.82 -2.08 10.37
N ALA A 197 16.05 -2.11 9.84
CA ALA A 197 16.59 -3.36 9.29
C ALA A 197 16.58 -4.46 10.36
N GLU A 198 16.98 -4.14 11.57
CA GLU A 198 16.98 -5.13 12.62
C GLU A 198 15.57 -5.66 12.90
N LEU A 199 14.60 -4.77 13.00
CA LEU A 199 13.24 -5.20 13.31
C LEU A 199 12.66 -6.13 12.21
N PHE A 200 12.79 -5.75 10.95
CA PHE A 200 12.24 -6.51 9.85
C PHE A 200 12.94 -7.85 9.73
N ALA A 201 14.27 -7.87 9.86
CA ALA A 201 15.02 -9.11 9.73
C ALA A 201 14.69 -10.12 10.85
N LYS A 202 14.47 -9.61 12.05
CA LYS A 202 14.08 -10.46 13.18
C LYS A 202 12.68 -11.01 13.01
N ILE A 203 11.72 -10.21 12.54
CA ILE A 203 10.41 -10.77 12.26
C ILE A 203 10.50 -11.86 11.21
N TYR A 204 11.27 -11.63 10.15
CA TYR A 204 11.45 -12.63 9.09
C TYR A 204 11.97 -13.93 9.68
N GLU A 205 13.02 -13.80 10.51
CA GLU A 205 13.65 -14.93 11.19
C GLU A 205 12.63 -15.62 12.09
N ASP A 206 11.89 -14.88 12.89
CA ASP A 206 10.95 -15.49 13.84
C ASP A 206 9.73 -16.14 13.18
N ALA A 207 9.41 -15.73 11.94
CA ALA A 207 8.37 -16.37 11.16
C ALA A 207 8.85 -17.64 10.47
N GLY A 208 10.13 -17.96 10.65
CA GLY A 208 10.72 -19.15 10.04
C GLY A 208 11.12 -18.95 8.59
N LYS A 209 11.38 -17.69 8.22
CA LYS A 209 11.78 -17.35 6.85
C LYS A 209 10.91 -17.99 5.79
N PRO A 210 9.59 -17.67 5.81
CA PRO A 210 8.66 -18.38 4.94
C PRO A 210 9.00 -18.15 3.46
N ARG A 211 8.90 -19.21 2.66
CA ARG A 211 9.20 -19.15 1.26
C ARG A 211 8.48 -17.96 0.59
N ALA A 212 7.21 -17.78 0.92
CA ALA A 212 6.39 -16.81 0.20
C ALA A 212 6.80 -15.37 0.51
N VAL A 213 7.54 -15.12 1.57
CA VAL A 213 7.95 -13.73 1.87
C VAL A 213 9.07 -13.31 0.92
N ARG A 214 8.71 -12.47 -0.03
CA ARG A 214 9.58 -12.04 -1.09
C ARG A 214 10.38 -10.82 -0.67
N GLY A 215 9.84 -9.97 0.21
CA GLY A 215 10.55 -8.77 0.61
C GLY A 215 9.58 -7.76 1.20
N LEU A 216 9.77 -6.51 0.81
CA LEU A 216 9.15 -5.36 1.43
C LEU A 216 8.50 -4.45 0.37
N ALA A 217 7.44 -3.76 0.80
CA ALA A 217 6.81 -2.70 0.04
C ALA A 217 7.18 -1.37 0.60
N THR A 218 7.43 -0.39 -0.22
CA THR A 218 7.73 0.95 0.25
C THR A 218 6.84 1.99 -0.44
N ASN A 219 6.73 3.16 0.19
CA ASN A 219 5.99 4.30 -0.31
C ASN A 219 4.49 4.07 -0.40
N VAL A 220 3.97 3.07 0.28
CA VAL A 220 2.55 2.81 0.21
C VAL A 220 1.76 3.99 0.76
N ALA A 221 0.85 4.48 -0.08
CA ALA A 221 0.05 5.63 0.26
C ALA A 221 0.83 6.92 0.48
N ASN A 222 2.09 6.97 0.03
CA ASN A 222 2.85 8.20 0.06
C ASN A 222 3.11 8.65 -1.38
N TYR A 223 3.99 9.63 -1.54
CA TYR A 223 4.08 10.37 -2.78
C TYR A 223 5.53 10.51 -3.26
N ASN A 224 6.45 9.76 -2.64
CA ASN A 224 7.87 9.98 -2.96
C ASN A 224 8.23 9.62 -4.35
N ALA A 225 9.27 10.26 -4.87
CA ALA A 225 9.88 9.87 -6.12
C ALA A 225 10.56 8.52 -6.00
N TRP A 226 10.55 7.73 -7.07
CA TRP A 226 11.50 6.64 -7.20
C TRP A 226 12.94 7.21 -7.29
N SER A 227 13.22 8.02 -8.28
CA SER A 227 14.55 8.60 -8.47
C SER A 227 14.49 9.96 -9.11
N VAL A 228 14.93 10.97 -8.38
CA VAL A 228 15.02 12.36 -8.89
C VAL A 228 16.45 12.85 -8.61
N SER A 229 17.03 13.75 -9.44
CA SER A 229 18.46 14.12 -9.25
C SER A 229 18.67 15.15 -8.15
N SER A 230 17.61 15.89 -7.88
CA SER A 230 17.63 16.98 -6.94
C SER A 230 16.69 16.64 -5.78
N PRO A 231 17.16 16.74 -4.53
CA PRO A 231 16.24 16.49 -3.41
C PRO A 231 15.11 17.53 -3.32
N PRO A 232 13.86 17.11 -3.25
CA PRO A 232 12.78 18.08 -3.03
C PRO A 232 13.04 18.82 -1.74
N PRO A 233 12.69 20.11 -1.65
CA PRO A 233 13.08 20.88 -0.45
C PRO A 233 12.58 20.32 0.86
N TYR A 234 11.38 19.77 0.87
CA TYR A 234 10.82 19.22 2.09
C TYR A 234 11.55 17.97 2.58
N THR A 235 12.40 17.36 1.77
CA THR A 235 13.14 16.19 2.20
C THR A 235 14.35 16.54 3.02
N SER A 236 14.80 17.78 3.00
CA SER A 236 16.03 18.14 3.69
C SER A 236 15.86 18.06 5.19
N PRO A 237 16.83 17.58 5.98
CA PRO A 237 18.17 17.15 5.58
C PRO A 237 18.41 15.64 5.50
N ASN A 238 17.40 14.92 5.02
CA ASN A 238 17.54 13.47 4.84
C ASN A 238 18.28 13.15 3.55
N PRO A 239 19.45 12.49 3.61
CA PRO A 239 20.15 12.13 2.39
C PRO A 239 19.40 11.10 1.54
N ASN A 240 18.51 10.34 2.15
CA ASN A 240 17.73 9.31 1.44
C ASN A 240 16.41 9.98 1.05
N TYR A 241 16.47 10.76 -0.02
CA TYR A 241 15.41 11.71 -0.35
C TYR A 241 14.41 11.15 -1.34
N ASP A 242 14.68 9.97 -1.85
CA ASP A 242 13.80 9.25 -2.75
C ASP A 242 13.87 7.76 -2.45
N GLU A 243 12.99 6.99 -3.07
CA GLU A 243 12.88 5.58 -2.74
C GLU A 243 14.08 4.78 -3.21
N LYS A 244 14.70 5.22 -4.29
CA LYS A 244 15.93 4.54 -4.75
C LYS A 244 17.07 4.66 -3.71
N HIS A 245 17.26 5.86 -3.17
CA HIS A 245 18.24 6.04 -2.12
C HIS A 245 17.95 5.16 -0.93
N TYR A 246 16.68 5.17 -0.50
CA TYR A 246 16.25 4.40 0.66
C TYR A 246 16.53 2.91 0.44
N ILE A 247 16.07 2.39 -0.67
CA ILE A 247 16.23 0.97 -0.92
C ILE A 247 17.70 0.55 -1.08
N GLU A 248 18.51 1.37 -1.70
CA GLU A 248 19.92 1.04 -1.90
C GLU A 248 20.65 1.08 -0.59
N ALA A 249 20.22 1.90 0.35
CA ALA A 249 20.80 1.94 1.70
C ALA A 249 20.28 0.79 2.59
N PHE A 250 19.01 0.41 2.41
CA PHE A 250 18.30 -0.48 3.29
C PHE A 250 18.61 -1.95 2.95
N ARG A 251 18.62 -2.29 1.67
CA ARG A 251 18.81 -3.70 1.29
C ARG A 251 20.09 -4.34 1.85
N PRO A 252 21.25 -3.70 1.73
CA PRO A 252 22.47 -4.30 2.32
C PRO A 252 22.33 -4.57 3.79
N LEU A 253 21.66 -3.70 4.54
CA LEU A 253 21.49 -3.86 5.98
C LEU A 253 20.60 -5.03 6.28
N LEU A 254 19.53 -5.16 5.52
CA LEU A 254 18.64 -6.28 5.71
C LEU A 254 19.36 -7.58 5.34
N GLU A 255 20.09 -7.55 4.23
CA GLU A 255 20.77 -8.73 3.75
C GLU A 255 21.83 -9.21 4.74
N ALA A 256 22.50 -8.29 5.43
CA ALA A 256 23.54 -8.69 6.41
C ALA A 256 22.89 -9.43 7.57
N ARG A 257 21.63 -9.09 7.87
CA ARG A 257 20.88 -9.69 8.96
C ARG A 257 19.98 -10.87 8.54
N GLY A 258 20.22 -11.40 7.36
CA GLY A 258 19.64 -12.65 6.91
C GLY A 258 18.36 -12.51 6.10
N PHE A 259 18.04 -11.29 5.63
CA PHE A 259 16.78 -11.06 4.91
C PHE A 259 17.08 -10.39 3.57
N PRO A 260 17.26 -11.17 2.52
CA PRO A 260 17.62 -10.63 1.21
C PRO A 260 16.38 -10.05 0.43
N ALA A 261 15.82 -9.01 1.00
CA ALA A 261 14.48 -8.55 0.62
C ALA A 261 14.52 -7.98 -0.79
N GLN A 262 13.59 -8.38 -1.64
CA GLN A 262 13.26 -7.66 -2.86
C GLN A 262 12.16 -6.62 -2.55
N PHE A 263 12.01 -5.61 -3.37
CA PHE A 263 11.08 -4.52 -3.08
C PHE A 263 10.04 -4.32 -4.17
N ILE A 264 8.86 -3.84 -3.75
CA ILE A 264 7.95 -3.15 -4.63
C ILE A 264 7.75 -1.76 -4.14
N VAL A 265 7.55 -0.83 -5.06
CA VAL A 265 7.51 0.59 -4.72
C VAL A 265 6.21 1.17 -5.27
N ASP A 266 5.38 1.73 -4.37
CA ASP A 266 4.16 2.44 -4.79
C ASP A 266 4.57 3.70 -5.53
N GLN A 267 3.99 3.90 -6.70
CA GLN A 267 4.16 5.12 -7.48
C GLN A 267 2.83 5.71 -7.93
N GLY A 268 1.70 5.22 -7.36
CA GLY A 268 0.40 5.67 -7.81
C GLY A 268 0.11 7.14 -7.62
N ARG A 269 0.78 7.82 -6.70
CA ARG A 269 0.61 9.25 -6.50
C ARG A 269 1.95 10.02 -6.52
N SER A 270 2.88 9.49 -7.33
CA SER A 270 4.24 10.02 -7.39
C SER A 270 4.60 10.72 -8.67
N GLY A 271 3.63 10.94 -9.55
CA GLY A 271 3.94 11.49 -10.88
C GLY A 271 4.46 12.92 -10.91
N LYS A 272 4.10 13.73 -9.96
CA LYS A 272 4.52 15.13 -9.91
C LYS A 272 5.52 15.33 -8.78
N GLN A 273 6.71 15.81 -9.13
CA GLN A 273 7.80 16.02 -8.19
C GLN A 273 8.49 17.36 -8.49
N PRO A 274 8.79 18.13 -7.46
CA PRO A 274 8.37 17.93 -6.08
C PRO A 274 6.85 18.00 -5.95
N THR A 275 6.32 17.44 -4.86
CA THR A 275 4.92 17.49 -4.58
C THR A 275 4.53 18.87 -3.98
N GLY A 276 3.29 19.02 -3.57
CA GLY A 276 2.86 20.19 -2.83
C GLY A 276 2.93 20.04 -1.34
N GLN A 277 3.56 18.99 -0.85
CA GLN A 277 3.79 18.85 0.58
C GLN A 277 4.67 20.00 1.13
N LYS A 278 4.23 20.65 2.20
CA LYS A 278 5.00 21.72 2.78
C LYS A 278 6.05 21.15 3.72
N GLU A 279 5.76 20.01 4.32
CA GLU A 279 6.71 19.25 5.11
C GLU A 279 6.54 17.80 4.72
N TRP A 280 7.61 17.03 4.84
CA TRP A 280 7.58 15.67 4.34
C TRP A 280 6.60 14.79 5.12
N GLY A 281 6.36 15.10 6.37
CA GLY A 281 5.44 14.35 7.19
C GLY A 281 3.98 14.58 6.93
N HIS A 282 3.67 15.43 5.96
CA HIS A 282 2.29 15.71 5.59
C HIS A 282 1.79 14.68 4.61
N TRP A 283 1.13 13.67 5.14
CA TRP A 283 0.74 12.51 4.35
C TRP A 283 -0.68 12.56 3.81
N CYS A 284 -1.51 13.45 4.31
CA CYS A 284 -2.94 13.33 4.08
C CYS A 284 -3.40 14.13 2.88
N ASN A 285 -3.94 13.46 1.87
CA ASN A 285 -4.58 14.13 0.71
C ASN A 285 -3.70 15.27 0.20
N ALA A 286 -2.44 15.00 -0.05
CA ALA A 286 -1.48 16.07 -0.32
C ALA A 286 -1.83 16.72 -1.63
N ILE A 287 -1.75 18.06 -1.69
CA ILE A 287 -1.92 18.80 -2.95
C ILE A 287 -0.66 18.68 -3.81
N GLY A 288 -0.81 19.03 -5.08
CA GLY A 288 0.31 19.07 -5.98
C GLY A 288 0.88 17.72 -6.34
N THR A 289 0.01 16.70 -6.37
CA THR A 289 0.42 15.34 -6.69
C THR A 289 -0.30 14.88 -7.98
N GLY A 290 0.28 13.88 -8.61
CA GLY A 290 -0.25 13.28 -9.82
C GLY A 290 -0.10 11.77 -9.86
N PHE A 291 -0.97 11.13 -10.64
CA PHE A 291 -0.73 9.71 -10.94
C PHE A 291 0.69 9.54 -11.50
N GLY A 292 1.38 8.49 -11.07
CA GLY A 292 2.77 8.26 -11.48
C GLY A 292 2.97 7.10 -12.44
N MET A 293 4.20 6.59 -12.40
CA MET A 293 4.56 5.58 -13.38
C MET A 293 3.66 4.39 -13.23
N ARG A 294 3.32 3.82 -14.39
CA ARG A 294 2.39 2.71 -14.45
C ARG A 294 2.97 1.43 -13.89
N PRO A 295 2.13 0.58 -13.30
CA PRO A 295 2.65 -0.66 -12.75
C PRO A 295 3.41 -1.51 -13.75
N THR A 296 4.58 -2.01 -13.34
CA THR A 296 5.44 -2.74 -14.27
C THR A 296 6.47 -3.51 -13.50
N ALA A 297 6.88 -4.64 -14.06
CA ALA A 297 8.06 -5.34 -13.63
C ALA A 297 9.32 -4.75 -14.33
N ASN A 298 9.20 -3.80 -15.26
CA ASN A 298 10.35 -3.31 -16.06
C ASN A 298 10.97 -2.14 -15.30
N THR A 299 11.60 -2.45 -14.16
CA THR A 299 12.01 -1.44 -13.19
C THR A 299 13.40 -0.87 -13.40
N GLY A 300 14.25 -1.56 -14.15
CA GLY A 300 15.61 -1.10 -14.32
C GLY A 300 16.45 -1.14 -13.07
N HIS A 301 16.03 -1.89 -12.05
CA HIS A 301 16.75 -1.97 -10.80
C HIS A 301 16.73 -3.40 -10.28
N GLN A 302 17.90 -3.93 -9.93
CA GLN A 302 18.08 -5.25 -9.41
C GLN A 302 17.27 -5.60 -8.17
N TYR A 303 17.03 -4.63 -7.30
CA TYR A 303 16.38 -4.95 -6.01
C TYR A 303 14.88 -4.69 -6.08
N VAL A 304 14.37 -4.19 -7.19
CA VAL A 304 12.96 -3.82 -7.28
C VAL A 304 12.23 -4.74 -8.25
N ASP A 305 11.34 -5.56 -7.69
CA ASP A 305 10.53 -6.48 -8.48
C ASP A 305 9.53 -5.74 -9.38
N ALA A 306 8.93 -4.65 -8.84
CA ALA A 306 7.91 -3.93 -9.59
C ALA A 306 7.72 -2.54 -9.02
N PHE A 307 7.34 -1.64 -9.88
CA PHE A 307 6.65 -0.42 -9.52
C PHE A 307 5.18 -0.77 -9.56
N VAL A 308 4.44 -0.32 -8.53
CA VAL A 308 3.03 -0.71 -8.35
C VAL A 308 2.21 0.48 -7.98
N TRP A 309 0.88 0.34 -8.07
CA TRP A 309 -0.06 1.29 -7.48
C TRP A 309 -0.72 0.56 -6.33
N VAL A 310 -0.26 0.83 -5.11
CA VAL A 310 -0.79 0.17 -3.94
C VAL A 310 -2.00 0.94 -3.42
N LYS A 311 -1.76 2.18 -2.99
CA LYS A 311 -2.87 3.08 -2.63
C LYS A 311 -3.59 3.52 -3.92
N PRO A 312 -4.90 3.25 -4.04
CA PRO A 312 -5.61 3.61 -5.27
C PRO A 312 -5.97 5.09 -5.25
N GLY A 313 -5.34 5.87 -6.11
CA GLY A 313 -5.55 7.30 -6.14
C GLY A 313 -6.99 7.67 -6.44
N GLY A 314 -7.52 8.57 -5.61
CA GLY A 314 -8.90 8.93 -5.61
C GLY A 314 -9.60 8.47 -4.35
N GLU A 315 -9.11 7.38 -3.73
CA GLU A 315 -9.62 6.93 -2.44
C GLU A 315 -8.94 7.79 -1.35
N CYS A 316 -9.75 8.42 -0.50
CA CYS A 316 -9.31 9.42 0.42
C CYS A 316 -8.34 8.88 1.49
N ASP A 317 -7.49 9.73 2.01
CA ASP A 317 -6.58 9.38 3.10
C ASP A 317 -7.17 9.71 4.48
N GLY A 318 -8.26 10.48 4.56
CA GLY A 318 -8.77 10.90 5.85
C GLY A 318 -9.67 12.11 5.71
N THR A 319 -10.66 12.16 6.61
CA THR A 319 -11.60 13.26 6.64
C THR A 319 -10.99 14.56 7.08
N SER A 320 -11.46 15.66 6.47
CA SER A 320 -11.09 17.02 6.89
C SER A 320 -12.10 17.62 7.86
N ASP A 321 -13.14 16.88 8.22
CA ASP A 321 -14.17 17.33 9.17
C ASP A 321 -13.57 17.27 10.58
N THR A 322 -13.25 18.43 11.14
CA THR A 322 -12.55 18.53 12.41
C THR A 322 -13.38 17.96 13.57
N THR A 323 -14.67 17.74 13.36
CA THR A 323 -15.55 17.19 14.39
C THR A 323 -15.67 15.66 14.35
N ALA A 324 -15.07 15.01 13.34
CA ALA A 324 -15.25 13.59 13.15
C ALA A 324 -14.36 12.80 14.09
N ALA A 325 -14.81 11.60 14.48
CA ALA A 325 -14.04 10.72 15.34
C ALA A 325 -12.65 10.38 14.76
N ARG A 326 -12.57 10.25 13.43
CA ARG A 326 -11.34 9.88 12.74
C ARG A 326 -10.64 11.11 12.17
N TYR A 327 -10.86 12.32 12.69
CA TYR A 327 -10.11 13.48 12.24
C TYR A 327 -8.71 13.46 12.76
N ALA A 328 -7.72 13.57 11.86
CA ALA A 328 -6.31 13.76 12.15
C ALA A 328 -5.92 15.14 11.67
N TYR A 329 -5.14 15.84 12.47
CA TYR A 329 -4.84 17.22 12.17
C TYR A 329 -4.12 17.34 10.83
N HIS A 330 -3.38 16.33 10.40
CA HIS A 330 -2.73 16.32 9.08
C HIS A 330 -3.70 16.55 7.95
N CYS A 331 -4.94 16.12 8.10
CA CYS A 331 -5.92 16.25 7.04
C CYS A 331 -6.58 17.61 6.99
N GLY A 332 -6.30 18.47 7.97
CA GLY A 332 -6.81 19.84 7.95
C GLY A 332 -5.77 20.87 7.57
N LEU A 333 -4.56 20.49 7.23
CA LEU A 333 -3.48 21.41 6.89
C LEU A 333 -3.77 22.07 5.54
N GLU A 334 -3.04 23.18 5.30
CA GLU A 334 -3.25 23.95 4.10
C GLU A 334 -2.84 23.19 2.83
N ASP A 335 -1.91 22.25 2.97
CA ASP A 335 -1.49 21.43 1.83
C ASP A 335 -2.22 20.08 1.74
N ALA A 336 -3.34 19.95 2.42
CA ALA A 336 -4.25 18.79 2.30
C ALA A 336 -5.47 19.27 1.54
N LEU A 337 -5.90 18.56 0.53
CA LEU A 337 -7.07 18.94 -0.26
C LEU A 337 -8.34 18.76 0.55
N LYS A 338 -9.22 19.76 0.53
CA LYS A 338 -10.38 19.81 1.38
C LYS A 338 -11.54 20.45 0.60
N PRO A 339 -12.80 20.15 0.94
CA PRO A 339 -13.21 19.19 1.99
C PRO A 339 -13.02 17.74 1.58
N ALA A 340 -12.57 16.90 2.49
CA ALA A 340 -12.26 15.47 2.21
C ALA A 340 -13.19 14.58 2.98
N PRO A 341 -13.63 13.48 2.37
CA PRO A 341 -14.48 12.50 3.06
C PRO A 341 -13.68 11.51 3.95
N GLU A 342 -14.35 10.55 4.52
CA GLU A 342 -13.66 9.55 5.32
C GLU A 342 -12.58 8.80 4.52
N ALA A 343 -11.51 8.36 5.22
CA ALA A 343 -10.44 7.56 4.60
C ALA A 343 -11.07 6.35 3.95
N GLY A 344 -10.63 6.10 2.72
CA GLY A 344 -11.09 4.98 1.94
C GLY A 344 -12.28 5.29 1.03
N GLN A 345 -13.01 6.40 1.32
CA GLN A 345 -14.13 6.79 0.49
C GLN A 345 -13.66 7.61 -0.70
N TRP A 346 -14.46 7.62 -1.77
CA TRP A 346 -14.06 8.29 -2.98
C TRP A 346 -14.01 9.82 -2.76
N PHE A 347 -12.96 10.43 -3.25
CA PHE A 347 -12.68 11.88 -3.13
C PHE A 347 -12.47 12.41 -4.53
N ASN A 348 -13.59 12.81 -5.17
CA ASN A 348 -13.53 13.08 -6.58
C ASN A 348 -12.62 14.25 -6.97
N GLU A 349 -12.61 15.31 -6.18
CA GLU A 349 -11.73 16.43 -6.53
C GLU A 349 -10.28 15.99 -6.48
N TYR A 350 -9.95 15.05 -5.59
CA TYR A 350 -8.59 14.51 -5.52
C TYR A 350 -8.25 13.69 -6.75
N PHE A 351 -9.18 12.81 -7.11
CA PHE A 351 -9.05 12.07 -8.38
C PHE A 351 -8.72 12.96 -9.57
N ILE A 352 -9.43 14.10 -9.63
CA ILE A 352 -9.25 15.05 -10.75
C ILE A 352 -7.88 15.69 -10.65
N GLN A 353 -7.44 16.05 -9.45
CA GLN A 353 -6.08 16.55 -9.29
C GLN A 353 -5.03 15.56 -9.83
N LEU A 354 -5.15 14.28 -9.43
CA LEU A 354 -4.21 13.27 -9.83
C LEU A 354 -4.19 13.10 -11.34
N LEU A 355 -5.40 13.15 -11.93
CA LEU A 355 -5.55 13.01 -13.38
C LEU A 355 -4.88 14.17 -14.11
N ARG A 356 -5.16 15.39 -13.68
CA ARG A 356 -4.56 16.60 -14.27
C ARG A 356 -3.05 16.56 -14.22
N ASN A 357 -2.49 16.08 -13.10
CA ASN A 357 -1.06 16.06 -12.89
C ASN A 357 -0.37 14.75 -13.27
N ALA A 358 -1.11 13.86 -13.93
CA ALA A 358 -0.58 12.53 -14.19
C ALA A 358 0.70 12.59 -15.05
N ASN A 359 1.67 11.76 -14.71
CA ASN A 359 2.89 11.63 -15.48
C ASN A 359 3.35 10.20 -15.35
N PRO A 360 3.24 9.38 -16.39
CA PRO A 360 2.82 9.81 -17.74
C PRO A 360 1.34 10.18 -17.82
N PRO A 361 0.98 11.08 -18.73
CA PRO A 361 -0.41 11.53 -18.83
C PRO A 361 -1.33 10.45 -19.36
N PHE A 362 -2.63 10.59 -19.05
CA PHE A 362 -3.67 9.81 -19.63
C PHE A 362 -4.34 10.49 -20.82
C1 NAG B . -15.73 -11.78 9.56
C2 NAG B . -16.69 -11.91 10.75
C3 NAG B . -17.01 -13.40 10.93
C4 NAG B . -17.45 -14.01 9.62
C5 NAG B . -16.45 -13.73 8.48
C6 NAG B . -16.86 -14.27 7.11
C7 NAG B . -16.57 -10.70 12.84
C8 NAG B . -15.76 -10.39 14.08
N2 NAG B . -16.01 -11.47 11.92
O3 NAG B . -18.09 -13.46 11.82
O4 NAG B . -17.67 -15.42 9.78
O5 NAG B . -16.26 -12.32 8.38
O6 NAG B . -15.78 -14.09 6.24
O7 NAG B . -17.70 -10.24 12.72
O4 IFM C . -6.15 4.56 4.08
C4 IFM C . -4.72 4.63 3.92
C3 IFM C . -4.43 6.10 3.76
O3 IFM C . -4.54 6.36 2.37
C2 IFM C . -3.07 6.46 4.28
N IFM C . -3.06 6.22 5.74
C1 IFM C . -3.59 4.94 6.18
C5 IFM C . -4.06 3.94 5.12
C6 IFM C . -2.92 2.98 4.77
O6 IFM C . -2.01 3.60 3.92
C2 BGC D . -8.18 3.37 4.12
C3 BGC D . -8.87 2.14 3.62
C4 BGC D . -8.67 1.92 2.15
C5 BGC D . -7.21 2.13 1.72
C6 BGC D . -7.01 2.21 0.22
C1 BGC D . -6.72 3.39 3.65
O2 BGC D . -8.22 3.43 5.55
O3 BGC D . -10.24 2.22 3.95
O4 BGC D . -9.10 0.62 1.83
O5 BGC D . -6.71 3.36 2.25
O6 BGC D . -7.65 3.36 -0.29
O4 IFM E . 2.89 9.13 9.01
C4 IFM E . 4.31 9.07 9.02
C3 IFM E . 4.88 9.97 7.95
O3 IFM E . 4.63 9.52 6.65
C2 IFM E . 6.39 10.07 8.06
N IFM E . 6.76 10.58 9.37
C1 IFM E . 6.36 9.68 10.44
C5 IFM E . 4.82 9.49 10.40
C6 IFM E . 4.23 8.59 11.48
O6 IFM E . 4.55 9.12 12.80
C2 BGC F . 0.75 8.07 8.93
C3 BGC F . -0.03 6.93 8.24
C4 BGC F . 0.23 7.01 6.73
C5 BGC F . 1.70 7.05 6.39
C6 BGC F . 1.91 7.26 4.92
C1 BGC F . 2.18 7.97 8.45
O2 BGC F . 0.68 7.86 10.34
O3 BGC F . -1.42 7.00 8.52
O4 BGC F . -0.44 5.94 6.07
O5 BGC F . 2.28 8.16 7.05
O6 BGC F . 3.29 7.29 4.55
CA CA G . 13.98 -7.18 -13.09
CA CA H . 6.95 11.98 -18.09
#